data_8SC3
#
_entry.id   8SC3
#
_cell.length_a   1.00
_cell.length_b   1.00
_cell.length_c   1.00
_cell.angle_alpha   90.00
_cell.angle_beta   90.00
_cell.angle_gamma   90.00
#
_symmetry.space_group_name_H-M   'P 1'
#
loop_
_entity.id
_entity.type
_entity.pdbx_description
1 polymer 'Solute carrier family 22 member 1'
2 non-polymer Fenoterol
#
_entity_poly.entity_id   1
_entity_poly.type   'polypeptide(L)'
_entity_poly.pdbx_seq_one_letter_code
;MPTVDDILEQVGESGWFQKQAFLILCLLSAAFAPICVGIVFLGFTPDHHCQSPGVAELSQRCGWSPAEELNYTVPGLGPA
GEAFLGQCRRYEVDWNQSALSCVDPLASLATNRSHLPLGPCQDGWVYDTPGSSIVTEFNLVCADSWKLDLFQSCLNAGFL
FGSLGVGYFADRFGRKLCLLGTVLVNAVSGVLMAFSPNYMSMLLFRLLQGLVSKGNWMAGYTLITEFVGSGSRRTVAIMY
QMAFTVGLVALTGLAYALPHWRWLQLAVSLPTFLFLLYYWCVPESPRWLLSQKRNTEAIKIMDHIAQKNGKLPPADLKML
SLEEDVTEKLSPSFADLFRTPRLRKRTFILMYLWFTDSVLYQGLILHMGATSGNLYLDFLYSALVEIPGAFIALITIDRV
GRIYPMAMSNLLAGAACLVMIFISPDLHWLNIIIMCVGRMGITIAIQMICLVNAELYPTFVRNLGVMVCSSLCDIGGIIT
PFIVFRLREVWQALPLILFAVLGLLAAGVTLLLPETKGVALPETMKDAENLGRKAKPKENTIYLKVQTSEPSGT
;
_entity_poly.pdbx_strand_id   A
#
loop_
_chem_comp.id
_chem_comp.type
_chem_comp.name
_chem_comp.formula
ZVJ non-polymer Fenoterol 'C17 H21 N O4'
#
# COMPACT_ATOMS: atom_id res chain seq x y z
N LYS A 19 -3.09 11.21 -28.84
CA LYS A 19 -3.72 12.22 -27.99
C LYS A 19 -4.94 11.64 -27.28
N GLN A 20 -6.02 11.46 -28.04
CA GLN A 20 -7.24 10.88 -27.50
C GLN A 20 -6.96 9.53 -26.85
N ALA A 21 -6.29 8.64 -27.59
CA ALA A 21 -5.99 7.32 -27.04
C ALA A 21 -4.99 7.46 -25.89
N PHE A 22 -3.99 8.32 -26.07
CA PHE A 22 -3.02 8.54 -25.01
C PHE A 22 -3.71 9.04 -23.76
N LEU A 23 -4.81 9.78 -23.94
CA LEU A 23 -5.54 10.35 -22.82
C LEU A 23 -6.34 9.29 -22.08
N ILE A 24 -6.98 8.38 -22.82
CA ILE A 24 -7.72 7.32 -22.14
C ILE A 24 -6.77 6.30 -21.51
N LEU A 25 -5.60 6.06 -22.10
CA LEU A 25 -4.67 5.13 -21.47
C LEU A 25 -4.03 5.75 -20.23
N CYS A 26 -3.70 7.04 -20.27
CA CYS A 26 -3.18 7.69 -19.07
C CYS A 26 -4.24 7.74 -17.98
N LEU A 27 -5.51 7.97 -18.36
CA LEU A 27 -6.58 7.91 -17.37
C LEU A 27 -6.68 6.52 -16.74
N LEU A 28 -6.59 5.46 -17.55
CA LEU A 28 -6.62 4.11 -17.00
C LEU A 28 -5.44 3.83 -16.08
N SER A 29 -4.28 4.41 -16.37
CA SER A 29 -3.13 4.28 -15.48
C SER A 29 -3.34 5.05 -14.18
N ALA A 30 -3.81 6.30 -14.27
CA ALA A 30 -4.07 7.07 -13.06
C ALA A 30 -5.13 6.40 -12.21
N ALA A 31 -6.15 5.82 -12.84
CA ALA A 31 -7.22 5.13 -12.14
C ALA A 31 -6.79 3.80 -11.55
N PHE A 32 -5.65 3.26 -12.00
CA PHE A 32 -5.11 2.06 -11.35
C PHE A 32 -4.52 2.38 -9.98
N ALA A 33 -3.85 3.53 -9.84
CA ALA A 33 -3.16 3.86 -8.60
C ALA A 33 -4.05 3.86 -7.36
N PRO A 34 -5.28 4.41 -7.38
CA PRO A 34 -6.16 4.26 -6.23
C PRO A 34 -6.45 2.82 -5.86
N ILE A 35 -6.48 1.89 -6.82
CA ILE A 35 -6.70 0.49 -6.47
C ILE A 35 -5.49 -0.04 -5.72
N CYS A 36 -4.30 0.19 -6.27
CA CYS A 36 -3.08 -0.35 -5.69
C CYS A 36 -2.83 0.17 -4.28
N VAL A 37 -2.96 1.48 -4.06
CA VAL A 37 -2.55 2.09 -2.80
C VAL A 37 -3.73 2.56 -1.92
N GLY A 38 -4.98 2.30 -2.33
CA GLY A 38 -6.11 2.83 -1.59
C GLY A 38 -6.20 2.41 -0.13
N ILE A 39 -5.64 1.26 0.22
CA ILE A 39 -5.63 0.80 1.61
C ILE A 39 -5.10 1.85 2.58
N VAL A 40 -4.18 2.70 2.14
CA VAL A 40 -3.62 3.74 3.02
C VAL A 40 -4.69 4.72 3.50
N PHE A 41 -5.73 4.96 2.69
CA PHE A 41 -6.80 5.88 3.06
C PHE A 41 -8.13 5.21 3.38
N LEU A 42 -8.45 4.10 2.71
CA LEU A 42 -9.66 3.35 3.03
C LEU A 42 -9.52 2.58 4.32
N GLY A 43 -8.29 2.25 4.72
CA GLY A 43 -8.07 1.38 5.86
C GLY A 43 -7.09 1.94 6.87
N PHE A 44 -7.21 3.23 7.17
CA PHE A 44 -6.47 3.80 8.28
C PHE A 44 -7.05 3.31 9.61
N THR A 45 -6.17 3.15 10.60
CA THR A 45 -6.59 2.81 11.96
C THR A 45 -6.44 4.01 12.88
N PRO A 46 -7.54 4.56 13.40
CA PRO A 46 -7.44 5.64 14.37
C PRO A 46 -7.21 5.11 15.78
N ASP A 47 -6.95 6.03 16.70
CA ASP A 47 -6.90 5.66 18.11
C ASP A 47 -8.26 5.16 18.57
N HIS A 48 -8.26 4.07 19.33
CA HIS A 48 -9.49 3.40 19.73
C HIS A 48 -9.33 2.75 21.10
N HIS A 49 -10.47 2.47 21.71
CA HIS A 49 -10.50 1.85 23.04
C HIS A 49 -11.87 1.24 23.26
N CYS A 50 -11.94 0.30 24.20
CA CYS A 50 -13.18 -0.42 24.46
C CYS A 50 -14.32 0.55 24.81
N GLN A 51 -15.46 0.37 24.15
CA GLN A 51 -16.65 1.09 24.57
C GLN A 51 -17.18 0.44 25.84
N SER A 52 -18.01 1.18 26.58
CA SER A 52 -18.61 0.58 27.78
C SER A 52 -19.88 1.32 28.15
N PRO A 53 -20.82 0.66 28.81
CA PRO A 53 -21.98 1.35 29.37
C PRO A 53 -21.58 2.24 30.54
N GLY A 54 -22.44 3.23 30.82
CA GLY A 54 -22.24 4.10 31.95
C GLY A 54 -21.18 5.16 31.77
N VAL A 55 -20.22 4.95 30.87
CA VAL A 55 -19.11 5.90 30.73
C VAL A 55 -19.62 7.27 30.31
N ALA A 56 -20.46 7.32 29.27
CA ALA A 56 -21.01 8.60 28.82
C ALA A 56 -21.90 9.23 29.88
N GLU A 57 -22.63 8.42 30.65
CA GLU A 57 -23.50 8.94 31.69
C GLU A 57 -22.72 9.49 32.88
N LEU A 58 -21.65 8.80 33.27
CA LEU A 58 -20.78 9.32 34.33
C LEU A 58 -20.04 10.58 33.85
N SER A 59 -19.60 10.59 32.60
CA SER A 59 -19.00 11.77 32.01
C SER A 59 -19.96 12.96 32.00
N GLN A 60 -21.24 12.71 31.74
CA GLN A 60 -22.23 13.78 31.85
C GLN A 60 -22.41 14.23 33.30
N ARG A 61 -22.59 13.28 34.22
CA ARG A 61 -22.88 13.63 35.61
C ARG A 61 -21.74 14.43 36.23
N CYS A 62 -20.50 14.05 35.94
CA CYS A 62 -19.33 14.75 36.46
C CYS A 62 -18.81 15.85 35.54
N GLY A 63 -19.15 15.80 34.25
CA GLY A 63 -18.70 16.78 33.28
C GLY A 63 -17.26 16.62 32.80
N TRP A 64 -16.87 15.39 32.45
CA TRP A 64 -15.51 15.14 32.02
C TRP A 64 -15.27 15.70 30.62
N SER A 65 -14.10 16.33 30.43
CA SER A 65 -13.65 16.69 29.10
C SER A 65 -13.13 15.43 28.40
N PRO A 66 -12.99 15.45 27.08
CA PRO A 66 -12.68 14.19 26.37
C PRO A 66 -11.37 13.55 26.82
N ALA A 67 -10.25 14.28 26.79
CA ALA A 67 -8.99 13.68 27.18
C ALA A 67 -8.99 13.34 28.67
N GLU A 68 -9.63 14.17 29.48
CA GLU A 68 -9.78 13.87 30.90
C GLU A 68 -10.58 12.58 31.11
N GLU A 69 -11.68 12.44 30.36
CA GLU A 69 -12.43 11.18 30.39
C GLU A 69 -11.57 9.99 29.99
N LEU A 70 -10.71 10.16 28.98
CA LEU A 70 -9.81 9.08 28.61
C LEU A 70 -8.86 8.73 29.75
N ASN A 71 -8.28 9.75 30.39
CA ASN A 71 -7.38 9.54 31.51
C ASN A 71 -8.05 8.76 32.64
N TYR A 72 -9.26 9.17 33.02
CA TYR A 72 -9.95 8.50 34.13
C TYR A 72 -10.51 7.13 33.74
N THR A 73 -10.91 6.94 32.49
CA THR A 73 -11.63 5.75 32.08
C THR A 73 -10.72 4.67 31.46
N VAL A 74 -9.90 5.03 30.48
CA VAL A 74 -9.20 4.01 29.71
C VAL A 74 -8.01 3.55 30.52
N PRO A 75 -7.63 2.26 30.45
CA PRO A 75 -6.41 1.80 31.14
C PRO A 75 -5.17 2.55 30.68
N GLY A 76 -4.20 2.63 31.59
CA GLY A 76 -2.96 3.32 31.29
C GLY A 76 -2.16 2.63 30.21
N LEU A 77 -1.27 3.39 29.58
CA LEU A 77 -0.44 2.84 28.52
C LEU A 77 0.56 1.82 29.05
N GLY A 78 0.99 1.98 30.30
CA GLY A 78 1.90 1.05 30.93
C GLY A 78 3.37 1.35 30.68
N PRO A 79 4.24 0.44 31.11
CA PRO A 79 5.68 0.72 31.14
C PRO A 79 6.32 0.77 29.75
N ALA A 80 6.89 1.92 29.42
CA ALA A 80 7.72 2.12 28.21
C ALA A 80 7.06 1.60 26.95
N GLY A 81 5.73 1.57 26.91
CA GLY A 81 5.03 1.05 25.77
C GLY A 81 3.79 0.28 26.18
N GLU A 82 3.42 -0.73 25.40
CA GLU A 82 2.32 -1.64 25.70
C GLU A 82 0.96 -0.93 25.64
N ALA A 83 0.77 -0.10 24.61
CA ALA A 83 -0.53 0.55 24.42
C ALA A 83 -1.63 -0.47 24.13
N PHE A 84 -1.25 -1.70 23.78
CA PHE A 84 -2.22 -2.77 23.53
C PHE A 84 -3.21 -2.92 24.68
N LEU A 85 -2.74 -2.77 25.92
CA LEU A 85 -3.64 -2.92 27.06
C LEU A 85 -4.57 -1.74 27.26
N GLY A 86 -4.30 -0.59 26.64
CA GLY A 86 -5.28 0.47 26.57
C GLY A 86 -6.25 0.30 25.41
N GLN A 87 -5.73 -0.18 24.29
CA GLN A 87 -6.52 -0.27 23.06
C GLN A 87 -7.45 -1.47 23.05
N CYS A 88 -7.01 -2.60 23.62
CA CYS A 88 -7.71 -3.87 23.49
C CYS A 88 -8.26 -4.41 24.81
N ARG A 89 -8.22 -3.61 25.88
CA ARG A 89 -8.69 -4.07 27.18
C ARG A 89 -9.39 -2.93 27.89
N ARG A 90 -10.19 -3.28 28.90
CA ARG A 90 -10.90 -2.30 29.72
C ARG A 90 -10.95 -2.78 31.15
N TYR A 91 -11.13 -1.84 32.07
CA TYR A 91 -11.40 -2.19 33.46
C TYR A 91 -12.76 -2.86 33.58
N GLU A 92 -12.78 -4.01 34.25
CA GLU A 92 -14.02 -4.72 34.55
C GLU A 92 -14.73 -4.03 35.72
N VAL A 93 -15.25 -2.83 35.43
CA VAL A 93 -15.76 -1.95 36.47
C VAL A 93 -17.17 -1.49 36.09
N ASP A 94 -18.04 -1.37 37.10
CA ASP A 94 -19.44 -1.02 36.89
C ASP A 94 -19.59 0.50 36.98
N TRP A 95 -19.35 1.16 35.84
CA TRP A 95 -19.38 2.63 35.80
C TRP A 95 -20.71 3.18 36.28
N ASN A 96 -21.79 2.40 36.18
CA ASN A 96 -23.11 2.84 36.63
C ASN A 96 -23.15 3.12 38.13
N GLN A 97 -22.18 2.62 38.89
CA GLN A 97 -22.22 2.74 40.34
C GLN A 97 -21.99 4.18 40.77
N SER A 98 -23.00 4.76 41.42
CA SER A 98 -22.91 6.12 41.94
C SER A 98 -21.86 6.25 43.03
N ALA A 99 -21.43 5.13 43.62
CA ALA A 99 -20.34 5.15 44.59
C ALA A 99 -19.02 5.62 44.00
N LEU A 100 -18.86 5.57 42.68
CA LEU A 100 -17.62 6.02 42.07
C LEU A 100 -17.48 7.54 42.18
N SER A 101 -16.25 7.98 42.44
CA SER A 101 -15.96 9.39 42.63
C SER A 101 -15.92 10.14 41.31
N CYS A 102 -16.47 11.37 41.32
CA CYS A 102 -16.38 12.24 40.16
C CYS A 102 -14.94 12.67 39.91
N VAL A 103 -14.17 12.94 40.97
CA VAL A 103 -12.80 13.40 40.79
C VAL A 103 -11.95 12.31 40.16
N ASP A 104 -12.03 11.08 40.68
CA ASP A 104 -11.40 9.95 40.04
C ASP A 104 -12.10 8.67 40.50
N PRO A 105 -12.86 8.02 39.62
CA PRO A 105 -13.57 6.80 40.03
C PRO A 105 -12.64 5.64 40.36
N LEU A 106 -11.46 5.57 39.74
CA LEU A 106 -10.54 4.49 40.03
C LEU A 106 -9.88 4.64 41.40
N ALA A 107 -9.77 5.86 41.91
CA ALA A 107 -9.28 6.05 43.27
C ALA A 107 -10.22 5.48 44.31
N SER A 108 -11.50 5.32 43.98
CA SER A 108 -12.47 4.65 44.84
C SER A 108 -12.32 3.13 44.87
N LEU A 109 -11.49 2.54 44.01
CA LEU A 109 -11.50 1.10 43.85
C LEU A 109 -10.15 0.44 44.10
N ALA A 110 -9.05 1.06 43.70
CA ALA A 110 -7.74 0.47 43.94
C ALA A 110 -6.72 1.58 44.12
N THR A 111 -5.68 1.29 44.91
CA THR A 111 -4.57 2.23 45.06
C THR A 111 -3.70 2.26 43.81
N ASN A 112 -3.49 1.10 43.18
CA ASN A 112 -2.75 1.02 41.92
C ASN A 112 -3.71 0.53 40.84
N ARG A 113 -3.84 1.32 39.78
CA ARG A 113 -4.71 0.99 38.65
C ARG A 113 -4.31 -0.30 37.94
N SER A 114 -3.14 -0.86 38.23
CA SER A 114 -2.76 -2.13 37.63
C SER A 114 -3.53 -3.32 38.20
N HIS A 115 -3.96 -3.23 39.46
CA HIS A 115 -4.55 -4.39 40.11
C HIS A 115 -5.97 -4.68 39.66
N LEU A 116 -6.64 -3.74 38.99
CA LEU A 116 -8.02 -3.94 38.63
C LEU A 116 -8.18 -4.99 37.53
N PRO A 117 -9.29 -5.72 37.53
CA PRO A 117 -9.50 -6.74 36.48
C PRO A 117 -9.69 -6.12 35.11
N LEU A 118 -9.06 -6.75 34.11
CA LEU A 118 -9.13 -6.29 32.73
C LEU A 118 -9.94 -7.27 31.89
N GLY A 119 -10.91 -6.76 31.15
CA GLY A 119 -11.65 -7.53 30.17
C GLY A 119 -11.46 -7.01 28.76
N PRO A 120 -11.86 -7.81 27.78
CA PRO A 120 -11.80 -7.37 26.39
C PRO A 120 -12.98 -6.49 26.01
N CYS A 121 -12.90 -5.93 24.80
CA CYS A 121 -13.88 -4.95 24.32
C CYS A 121 -15.14 -5.64 23.80
N GLN A 122 -15.76 -6.49 24.62
CA GLN A 122 -16.95 -7.23 24.18
C GLN A 122 -18.09 -6.29 23.76
N ASP A 123 -18.16 -5.11 24.36
CA ASP A 123 -19.20 -4.13 24.05
C ASP A 123 -18.86 -3.24 22.87
N GLY A 124 -17.78 -3.52 22.15
CA GLY A 124 -17.45 -2.75 20.96
C GLY A 124 -16.40 -1.71 21.25
N TRP A 125 -16.14 -0.86 20.25
CA TRP A 125 -15.02 0.06 20.32
C TRP A 125 -15.47 1.48 20.03
N VAL A 126 -14.68 2.43 20.51
CA VAL A 126 -14.89 3.86 20.25
C VAL A 126 -13.72 4.35 19.42
N TYR A 127 -14.01 4.96 18.27
CA TYR A 127 -12.96 5.44 17.38
C TYR A 127 -12.97 6.96 17.35
N ASP A 128 -11.80 7.56 17.57
CA ASP A 128 -11.63 9.01 17.44
C ASP A 128 -11.38 9.37 15.99
N THR A 129 -12.47 9.44 15.21
CA THR A 129 -12.38 10.02 13.88
C THR A 129 -13.75 10.51 13.45
N PRO A 130 -13.84 11.62 12.71
CA PRO A 130 -15.12 11.99 12.10
C PRO A 130 -15.45 11.17 10.87
N GLY A 131 -14.46 10.56 10.23
CA GLY A 131 -14.65 9.78 9.02
C GLY A 131 -14.96 8.33 9.34
N SER A 132 -14.63 7.47 8.38
CA SER A 132 -14.71 6.03 8.61
C SER A 132 -13.72 5.31 7.71
N SER A 133 -13.35 4.11 8.12
CA SER A 133 -12.48 3.23 7.36
C SER A 133 -12.96 1.80 7.54
N ILE A 134 -12.49 0.91 6.66
CA ILE A 134 -12.86 -0.49 6.78
C ILE A 134 -12.55 -1.02 8.17
N VAL A 135 -11.43 -0.55 8.75
CA VAL A 135 -11.10 -0.89 10.13
C VAL A 135 -12.21 -0.48 11.08
N THR A 136 -12.63 0.79 10.99
CA THR A 136 -13.61 1.32 11.94
C THR A 136 -14.99 0.72 11.70
N GLU A 137 -15.27 0.28 10.48
CA GLU A 137 -16.58 -0.29 10.19
C GLU A 137 -16.66 -1.76 10.61
N PHE A 138 -15.71 -2.58 10.17
CA PHE A 138 -15.72 -4.00 10.48
C PHE A 138 -15.03 -4.34 11.80
N ASN A 139 -14.51 -3.35 12.51
CA ASN A 139 -13.78 -3.56 13.77
C ASN A 139 -12.54 -4.42 13.59
N LEU A 140 -11.79 -4.17 12.51
CA LEU A 140 -10.54 -4.90 12.23
C LEU A 140 -9.41 -4.40 13.14
N VAL A 141 -9.57 -4.67 14.43
CA VAL A 141 -8.61 -4.26 15.44
C VAL A 141 -8.29 -5.46 16.33
N CYS A 142 -7.24 -5.30 17.14
CA CYS A 142 -6.80 -6.31 18.12
C CYS A 142 -6.63 -7.65 17.42
N ALA A 143 -7.25 -8.72 17.93
CA ALA A 143 -7.13 -10.06 17.34
C ALA A 143 -7.58 -10.11 15.89
N ASP A 144 -8.45 -9.20 15.45
CA ASP A 144 -8.85 -9.14 14.05
C ASP A 144 -7.91 -8.33 13.18
N SER A 145 -6.95 -7.59 13.77
CA SER A 145 -6.21 -6.57 13.03
C SER A 145 -5.51 -7.13 11.79
N TRP A 146 -5.15 -8.41 11.80
CA TRP A 146 -4.54 -9.00 10.61
C TRP A 146 -5.47 -8.97 9.41
N LYS A 147 -6.78 -9.03 9.65
CA LYS A 147 -7.73 -9.06 8.54
C LYS A 147 -7.63 -7.79 7.70
N LEU A 148 -7.16 -6.68 8.28
CA LEU A 148 -6.88 -5.50 7.48
C LEU A 148 -5.82 -5.79 6.41
N ASP A 149 -4.68 -6.32 6.83
CA ASP A 149 -3.60 -6.56 5.87
C ASP A 149 -4.03 -7.61 4.85
N LEU A 150 -4.86 -8.55 5.28
CA LEU A 150 -5.46 -9.51 4.36
C LEU A 150 -6.14 -8.85 3.17
N PHE A 151 -6.57 -7.59 3.29
CA PHE A 151 -7.15 -6.87 2.16
C PHE A 151 -6.12 -6.68 1.04
N GLN A 152 -4.92 -6.23 1.40
CA GLN A 152 -3.86 -6.06 0.42
C GLN A 152 -3.30 -7.40 -0.02
N SER A 153 -3.33 -8.39 0.86
CA SER A 153 -2.94 -9.74 0.46
C SER A 153 -3.86 -10.27 -0.62
N CYS A 154 -5.17 -10.13 -0.42
CA CYS A 154 -6.16 -10.58 -1.40
C CYS A 154 -5.98 -9.85 -2.73
N LEU A 155 -5.73 -8.53 -2.67
CA LEU A 155 -5.48 -7.78 -3.90
C LEU A 155 -4.27 -8.33 -4.65
N ASN A 156 -3.16 -8.57 -3.95
CA ASN A 156 -1.97 -9.03 -4.64
C ASN A 156 -2.10 -10.47 -5.14
N ALA A 157 -2.83 -11.31 -4.39
CA ALA A 157 -3.20 -12.63 -4.90
C ALA A 157 -4.03 -12.52 -6.17
N GLY A 158 -4.95 -11.55 -6.21
CA GLY A 158 -5.66 -11.26 -7.44
C GLY A 158 -4.71 -10.95 -8.58
N PHE A 159 -3.77 -10.04 -8.36
CA PHE A 159 -2.77 -9.73 -9.37
C PHE A 159 -2.06 -11.00 -9.84
N LEU A 160 -1.65 -11.84 -8.90
CA LEU A 160 -0.88 -13.04 -9.22
C LEU A 160 -1.66 -14.00 -10.09
N PHE A 161 -2.92 -14.30 -9.71
CA PHE A 161 -3.73 -15.20 -10.53
C PHE A 161 -4.07 -14.56 -11.88
N GLY A 162 -4.45 -13.28 -11.88
CA GLY A 162 -4.78 -12.61 -13.12
C GLY A 162 -3.65 -12.60 -14.14
N SER A 163 -2.41 -12.43 -13.67
CA SER A 163 -1.27 -12.45 -14.59
C SER A 163 -1.14 -13.78 -15.32
N LEU A 164 -1.62 -14.88 -14.73
CA LEU A 164 -1.67 -16.15 -15.44
C LEU A 164 -2.90 -16.26 -16.32
N GLY A 165 -4.06 -15.93 -15.75
CA GLY A 165 -5.33 -16.13 -16.46
C GLY A 165 -5.48 -15.28 -17.71
N VAL A 166 -4.97 -14.05 -17.67
CA VAL A 166 -5.12 -13.12 -18.79
C VAL A 166 -4.44 -13.64 -20.05
N GLY A 167 -3.28 -14.29 -19.91
CA GLY A 167 -2.63 -14.85 -21.09
C GLY A 167 -3.45 -15.94 -21.78
N TYR A 168 -4.10 -16.79 -20.99
CA TYR A 168 -4.97 -17.81 -21.58
C TYR A 168 -6.23 -17.21 -22.16
N PHE A 169 -6.81 -16.22 -21.46
CA PHE A 169 -8.02 -15.59 -21.94
C PHE A 169 -7.75 -14.89 -23.28
N ALA A 170 -6.69 -14.06 -23.32
CA ALA A 170 -6.32 -13.36 -24.54
C ALA A 170 -5.85 -14.32 -25.62
N ASP A 171 -5.45 -15.55 -25.25
CA ASP A 171 -5.10 -16.55 -26.25
C ASP A 171 -6.34 -17.20 -26.85
N ARG A 172 -7.47 -17.15 -26.14
CA ARG A 172 -8.67 -17.84 -26.57
C ARG A 172 -9.86 -16.92 -26.77
N PHE A 173 -9.67 -15.60 -26.64
CA PHE A 173 -10.75 -14.64 -26.82
C PHE A 173 -10.17 -13.39 -27.46
N GLY A 174 -11.01 -12.68 -28.20
CA GLY A 174 -10.53 -11.55 -29.01
C GLY A 174 -10.03 -10.39 -28.16
N ARG A 175 -8.92 -9.80 -28.61
CA ARG A 175 -8.23 -8.74 -27.87
C ARG A 175 -9.16 -7.61 -27.44
N LYS A 176 -9.78 -6.94 -28.42
CA LYS A 176 -10.61 -5.77 -28.11
C LYS A 176 -11.72 -6.13 -27.12
N LEU A 177 -12.35 -7.29 -27.34
CA LEU A 177 -13.40 -7.76 -26.46
C LEU A 177 -12.85 -8.10 -25.09
N CYS A 178 -11.67 -8.73 -25.04
CA CYS A 178 -10.99 -9.01 -23.78
C CYS A 178 -10.78 -7.72 -22.97
N LEU A 179 -10.20 -6.70 -23.59
CA LEU A 179 -9.93 -5.45 -22.88
C LEU A 179 -11.22 -4.78 -22.42
N LEU A 180 -12.24 -4.74 -23.29
CA LEU A 180 -13.51 -4.14 -22.87
C LEU A 180 -14.14 -4.92 -21.71
N GLY A 181 -14.07 -6.24 -21.76
CA GLY A 181 -14.59 -7.06 -20.67
C GLY A 181 -13.87 -6.79 -19.37
N THR A 182 -12.54 -6.80 -19.39
CA THR A 182 -11.76 -6.57 -18.18
C THR A 182 -11.96 -5.17 -17.62
N VAL A 183 -12.17 -4.17 -18.48
CA VAL A 183 -12.49 -2.83 -18.01
C VAL A 183 -13.86 -2.83 -17.33
N LEU A 184 -14.86 -3.45 -17.97
CA LEU A 184 -16.20 -3.51 -17.40
C LEU A 184 -16.18 -4.19 -16.04
N VAL A 185 -15.50 -5.33 -15.95
CA VAL A 185 -15.40 -6.09 -14.70
C VAL A 185 -14.72 -5.25 -13.61
N ASN A 186 -13.62 -4.57 -13.97
CA ASN A 186 -12.95 -3.73 -12.98
C ASN A 186 -13.86 -2.62 -12.48
N ALA A 187 -14.54 -1.94 -13.39
CA ALA A 187 -15.44 -0.85 -13.02
C ALA A 187 -16.54 -1.33 -12.09
N VAL A 188 -17.20 -2.43 -12.47
CA VAL A 188 -18.38 -2.89 -11.74
C VAL A 188 -17.98 -3.47 -10.39
N SER A 189 -16.91 -4.27 -10.34
CA SER A 189 -16.46 -4.80 -9.06
C SER A 189 -15.97 -3.70 -8.13
N GLY A 190 -15.31 -2.67 -8.67
CA GLY A 190 -14.93 -1.53 -7.86
C GLY A 190 -16.11 -0.80 -7.25
N VAL A 191 -17.15 -0.55 -8.06
CA VAL A 191 -18.35 0.10 -7.54
C VAL A 191 -19.03 -0.79 -6.50
N LEU A 192 -19.25 -2.07 -6.84
CA LEU A 192 -19.96 -2.97 -5.94
C LEU A 192 -19.25 -3.11 -4.59
N MET A 193 -17.92 -3.09 -4.59
CA MET A 193 -17.18 -3.13 -3.32
C MET A 193 -17.60 -1.99 -2.39
N ALA A 194 -17.89 -0.81 -2.96
CA ALA A 194 -18.38 0.29 -2.14
C ALA A 194 -19.67 -0.06 -1.39
N PHE A 195 -20.47 -0.97 -1.95
CA PHE A 195 -21.73 -1.38 -1.34
C PHE A 195 -21.64 -2.71 -0.61
N SER A 196 -20.44 -3.28 -0.49
CA SER A 196 -20.31 -4.63 0.05
C SER A 196 -20.75 -4.70 1.50
N PRO A 197 -21.65 -5.63 1.85
CA PRO A 197 -22.30 -5.59 3.17
C PRO A 197 -21.51 -6.25 4.29
N ASN A 198 -20.46 -7.01 3.97
CA ASN A 198 -19.66 -7.70 4.98
C ASN A 198 -18.26 -7.88 4.42
N TYR A 199 -17.33 -8.28 5.31
CA TYR A 199 -15.93 -8.33 4.92
C TYR A 199 -15.67 -9.38 3.85
N MET A 200 -16.26 -10.57 3.96
CA MET A 200 -15.93 -11.63 3.01
C MET A 200 -16.36 -11.27 1.59
N SER A 201 -17.55 -10.71 1.43
CA SER A 201 -17.97 -10.20 0.13
C SER A 201 -17.01 -9.13 -0.37
N MET A 202 -16.58 -8.24 0.52
CA MET A 202 -15.65 -7.19 0.13
C MET A 202 -14.35 -7.78 -0.39
N LEU A 203 -13.83 -8.80 0.30
CA LEU A 203 -12.62 -9.47 -0.16
C LEU A 203 -12.82 -10.21 -1.48
N LEU A 204 -14.03 -10.69 -1.75
CA LEU A 204 -14.27 -11.33 -3.06
C LEU A 204 -14.31 -10.30 -4.19
N PHE A 205 -14.86 -9.11 -3.92
CA PHE A 205 -14.79 -8.04 -4.91
C PHE A 205 -13.34 -7.55 -5.06
N ARG A 206 -12.66 -7.35 -3.95
CA ARG A 206 -11.25 -6.95 -3.97
C ARG A 206 -10.46 -7.91 -4.84
N LEU A 207 -10.56 -9.21 -4.54
CA LEU A 207 -9.86 -10.24 -5.31
C LEU A 207 -10.17 -10.14 -6.80
N LEU A 208 -11.45 -10.08 -7.16
CA LEU A 208 -11.82 -10.02 -8.58
C LEU A 208 -11.23 -8.78 -9.27
N GLN A 209 -11.33 -7.63 -8.59
CA GLN A 209 -10.67 -6.42 -9.09
C GLN A 209 -9.17 -6.60 -9.22
N GLY A 210 -8.54 -7.26 -8.23
CA GLY A 210 -7.12 -7.58 -8.37
C GLY A 210 -6.85 -8.44 -9.58
N LEU A 211 -7.79 -9.33 -9.90
CA LEU A 211 -7.64 -10.20 -11.07
C LEU A 211 -7.58 -9.38 -12.35
N VAL A 212 -8.46 -8.38 -12.48
CA VAL A 212 -8.56 -7.67 -13.75
C VAL A 212 -7.75 -6.37 -13.82
N SER A 213 -7.42 -5.76 -12.69
CA SER A 213 -6.76 -4.46 -12.66
C SER A 213 -5.43 -4.48 -13.40
N LYS A 214 -4.55 -5.42 -13.04
CA LYS A 214 -3.24 -5.48 -13.66
C LYS A 214 -3.32 -5.90 -15.12
N GLY A 215 -4.30 -6.74 -15.46
CA GLY A 215 -4.52 -7.05 -16.86
C GLY A 215 -4.84 -5.82 -17.67
N ASN A 216 -5.77 -4.99 -17.17
CA ASN A 216 -6.07 -3.71 -17.81
C ASN A 216 -4.82 -2.84 -17.92
N TRP A 217 -4.09 -2.70 -16.81
CA TRP A 217 -2.91 -1.83 -16.80
C TRP A 217 -1.90 -2.26 -17.86
N MET A 218 -1.48 -3.53 -17.81
CA MET A 218 -0.49 -4.03 -18.76
C MET A 218 -1.00 -4.00 -20.19
N ALA A 219 -2.31 -4.18 -20.39
CA ALA A 219 -2.88 -4.07 -21.73
C ALA A 219 -2.74 -2.64 -22.27
N GLY A 220 -3.12 -1.66 -21.46
CA GLY A 220 -2.95 -0.27 -21.87
C GLY A 220 -1.50 0.07 -22.13
N TYR A 221 -0.60 -0.40 -21.27
CA TYR A 221 0.84 -0.21 -21.50
C TYR A 221 1.28 -0.82 -22.83
N THR A 222 0.83 -2.03 -23.13
CA THR A 222 1.17 -2.68 -24.40
C THR A 222 0.66 -1.86 -25.58
N LEU A 223 -0.59 -1.43 -25.51
CA LEU A 223 -1.17 -0.64 -26.60
C LEU A 223 -0.41 0.66 -26.81
N ILE A 224 -0.12 1.39 -25.73
CA ILE A 224 0.54 2.67 -25.85
C ILE A 224 1.98 2.50 -26.34
N THR A 225 2.67 1.46 -25.90
CA THR A 225 4.03 1.18 -26.38
C THR A 225 4.05 0.55 -27.77
N GLU A 226 2.90 0.13 -28.30
CA GLU A 226 2.77 -0.31 -29.68
C GLU A 226 2.46 0.86 -30.61
N PHE A 227 1.61 1.78 -30.16
CA PHE A 227 1.25 2.93 -31.00
C PHE A 227 2.44 3.85 -31.22
N VAL A 228 3.30 4.03 -30.21
CA VAL A 228 4.42 4.95 -30.28
C VAL A 228 5.70 4.18 -30.57
N GLY A 229 6.43 4.63 -31.59
CA GLY A 229 7.67 3.99 -31.97
C GLY A 229 8.80 4.21 -30.98
N SER A 230 9.83 3.37 -31.12
CA SER A 230 10.98 3.33 -30.22
C SER A 230 11.69 4.66 -30.09
N GLY A 231 11.50 5.58 -31.04
CA GLY A 231 12.08 6.91 -30.94
C GLY A 231 11.45 7.75 -29.85
N SER A 232 10.27 7.37 -29.39
CA SER A 232 9.54 8.07 -28.34
C SER A 232 8.95 7.12 -27.30
N ARG A 233 9.01 5.81 -27.54
CA ARG A 233 8.46 4.81 -26.62
C ARG A 233 8.89 5.06 -25.18
N ARG A 234 10.20 5.20 -24.94
CA ARG A 234 10.72 5.42 -23.60
C ARG A 234 10.07 6.64 -22.94
N THR A 235 9.95 7.72 -23.70
CA THR A 235 9.29 8.93 -23.23
C THR A 235 7.84 8.67 -22.85
N VAL A 236 7.06 8.14 -23.78
CA VAL A 236 5.65 7.89 -23.50
C VAL A 236 5.47 6.93 -22.32
N ALA A 237 6.37 5.96 -22.17
CA ALA A 237 6.34 5.07 -21.01
C ALA A 237 6.51 5.85 -19.72
N ILE A 238 7.45 6.81 -19.73
CA ILE A 238 7.67 7.61 -18.52
C ILE A 238 6.46 8.51 -18.29
N MET A 239 5.82 8.96 -19.37
CA MET A 239 4.58 9.71 -19.24
C MET A 239 3.56 8.85 -18.51
N TYR A 240 3.30 7.66 -19.07
CA TYR A 240 2.35 6.71 -18.51
C TYR A 240 2.58 6.55 -17.00
N GLN A 241 3.84 6.40 -16.61
CA GLN A 241 4.18 6.30 -15.18
C GLN A 241 3.79 7.57 -14.43
N MET A 242 4.14 8.73 -14.97
CA MET A 242 3.77 9.97 -14.30
C MET A 242 2.25 10.10 -14.19
N ALA A 243 1.51 9.46 -15.10
CA ALA A 243 0.06 9.40 -14.96
C ALA A 243 -0.33 8.63 -13.70
N PHE A 244 0.41 7.57 -13.37
CA PHE A 244 0.19 6.87 -12.10
C PHE A 244 0.45 7.80 -10.93
N THR A 245 1.54 8.58 -11.02
CA THR A 245 1.81 9.58 -9.98
C THR A 245 0.69 10.60 -9.84
N VAL A 246 0.15 11.08 -10.96
CA VAL A 246 -1.00 11.98 -10.93
C VAL A 246 -2.20 11.29 -10.31
N GLY A 247 -2.36 10.00 -10.57
CA GLY A 247 -3.40 9.24 -9.90
C GLY A 247 -3.25 9.21 -8.40
N LEU A 248 -2.03 9.02 -7.91
CA LEU A 248 -1.75 9.11 -6.49
C LEU A 248 -2.10 10.49 -5.93
N VAL A 249 -1.83 11.54 -6.70
CA VAL A 249 -2.15 12.90 -6.25
C VAL A 249 -3.67 13.10 -6.20
N ALA A 250 -4.37 12.65 -7.23
CA ALA A 250 -5.83 12.74 -7.24
C ALA A 250 -6.44 11.96 -6.09
N LEU A 251 -5.97 10.72 -5.88
CA LEU A 251 -6.41 9.94 -4.72
C LEU A 251 -6.19 10.69 -3.41
N THR A 252 -5.07 11.40 -3.30
CA THR A 252 -4.80 12.18 -2.08
C THR A 252 -5.80 13.31 -1.91
N GLY A 253 -6.12 14.00 -3.01
CA GLY A 253 -7.13 15.05 -2.95
C GLY A 253 -8.50 14.52 -2.59
N LEU A 254 -8.92 13.44 -3.24
CA LEU A 254 -10.20 12.79 -2.94
C LEU A 254 -10.27 12.35 -1.48
N ALA A 255 -9.20 11.74 -0.98
CA ALA A 255 -9.17 11.30 0.41
C ALA A 255 -9.23 12.48 1.38
N TYR A 256 -8.64 13.62 0.99
CA TYR A 256 -8.77 14.81 1.83
C TYR A 256 -10.22 15.30 1.82
N ALA A 257 -10.83 15.38 0.64
CA ALA A 257 -12.16 15.98 0.52
C ALA A 257 -13.26 15.05 1.00
N LEU A 258 -13.07 13.73 0.90
CA LEU A 258 -14.10 12.75 1.25
C LEU A 258 -13.69 11.95 2.47
N PRO A 259 -14.14 12.34 3.67
CA PRO A 259 -13.64 11.68 4.89
C PRO A 259 -14.14 10.26 5.09
N HIS A 260 -15.12 9.80 4.32
CA HIS A 260 -15.68 8.47 4.45
C HIS A 260 -15.20 7.56 3.33
N TRP A 261 -14.85 6.32 3.70
CA TRP A 261 -14.26 5.40 2.73
C TRP A 261 -15.26 5.03 1.64
N ARG A 262 -16.53 4.82 1.99
CA ARG A 262 -17.51 4.41 0.99
C ARG A 262 -17.65 5.48 -0.10
N TRP A 263 -17.72 6.75 0.31
CA TRP A 263 -17.74 7.83 -0.67
C TRP A 263 -16.47 7.82 -1.52
N LEU A 264 -15.32 7.58 -0.88
CA LEU A 264 -14.06 7.52 -1.61
C LEU A 264 -14.03 6.37 -2.60
N GLN A 265 -14.66 5.24 -2.27
CA GLN A 265 -14.58 4.07 -3.13
C GLN A 265 -15.47 4.21 -4.36
N LEU A 266 -16.60 4.91 -4.23
CA LEU A 266 -17.38 5.31 -5.40
C LEU A 266 -16.57 6.27 -6.27
N ALA A 267 -16.12 7.38 -5.68
CA ALA A 267 -15.42 8.42 -6.43
C ALA A 267 -14.19 7.87 -7.14
N VAL A 268 -13.52 6.90 -6.53
CA VAL A 268 -12.39 6.23 -7.18
C VAL A 268 -12.83 5.39 -8.38
N SER A 269 -14.00 4.76 -8.29
CA SER A 269 -14.42 3.83 -9.34
C SER A 269 -15.03 4.55 -10.54
N LEU A 270 -15.77 5.63 -10.33
CA LEU A 270 -16.42 6.32 -11.43
C LEU A 270 -15.47 6.77 -12.56
N PRO A 271 -14.22 7.16 -12.32
CA PRO A 271 -13.29 7.39 -13.44
C PRO A 271 -13.27 6.30 -14.49
N THR A 272 -13.26 5.03 -14.08
CA THR A 272 -13.27 3.94 -15.05
C THR A 272 -14.52 3.99 -15.95
N PHE A 273 -15.64 4.49 -15.43
CA PHE A 273 -16.83 4.59 -16.27
C PHE A 273 -16.70 5.63 -17.37
N LEU A 274 -15.72 6.53 -17.27
CA LEU A 274 -15.47 7.46 -18.36
C LEU A 274 -14.86 6.70 -19.54
N PHE A 275 -13.92 5.80 -19.25
CA PHE A 275 -13.34 4.95 -20.29
C PHE A 275 -14.44 4.15 -20.98
N LEU A 276 -15.43 3.68 -20.23
CA LEU A 276 -16.58 3.01 -20.83
C LEU A 276 -17.44 3.99 -21.62
N LEU A 277 -17.72 5.15 -21.03
CA LEU A 277 -18.59 6.13 -21.67
C LEU A 277 -17.97 6.67 -22.96
N TYR A 278 -16.63 6.61 -23.06
CA TYR A 278 -15.92 7.02 -24.27
C TYR A 278 -16.55 6.44 -25.53
N TYR A 279 -17.06 5.22 -25.45
CA TYR A 279 -17.57 4.55 -26.65
C TYR A 279 -19.04 4.88 -26.88
N PRO A 332 5.97 -19.88 -24.47
CA PRO A 332 6.77 -20.91 -25.13
C PRO A 332 7.22 -22.01 -24.17
N SER A 333 8.53 -22.22 -24.07
CA SER A 333 9.11 -23.20 -23.16
C SER A 333 9.60 -22.47 -21.92
N PHE A 334 8.79 -22.52 -20.85
CA PHE A 334 9.16 -21.93 -19.56
C PHE A 334 10.57 -22.34 -19.13
N ALA A 335 10.96 -23.58 -19.45
CA ALA A 335 12.30 -24.08 -19.14
C ALA A 335 13.42 -23.20 -19.70
N ASP A 336 13.14 -22.45 -20.77
CA ASP A 336 14.17 -21.63 -21.41
C ASP A 336 14.74 -20.57 -20.47
N LEU A 337 13.96 -20.11 -19.48
CA LEU A 337 14.49 -19.15 -18.52
C LEU A 337 15.56 -19.75 -17.62
N PHE A 338 15.65 -21.07 -17.54
CA PHE A 338 16.49 -21.72 -16.53
C PHE A 338 17.49 -22.73 -17.10
N ARG A 339 17.27 -23.25 -18.30
CA ARG A 339 18.13 -24.30 -18.84
C ARG A 339 19.59 -23.87 -18.87
N THR A 340 19.85 -22.62 -19.27
CA THR A 340 21.23 -22.15 -19.40
C THR A 340 21.66 -21.45 -18.11
N PRO A 341 22.78 -21.84 -17.49
CA PRO A 341 23.11 -21.29 -16.17
C PRO A 341 23.35 -19.79 -16.16
N ARG A 342 23.90 -19.23 -17.24
CA ARG A 342 24.03 -17.77 -17.32
C ARG A 342 22.66 -17.10 -17.30
N LEU A 343 21.78 -17.55 -18.20
CA LEU A 343 20.43 -16.99 -18.28
C LEU A 343 19.65 -17.27 -16.99
N ARG A 344 19.87 -18.44 -16.39
CA ARG A 344 19.30 -18.75 -15.09
C ARG A 344 19.72 -17.74 -14.02
N LYS A 345 21.02 -17.48 -13.91
CA LYS A 345 21.52 -16.52 -12.92
C LYS A 345 20.96 -15.13 -13.18
N ARG A 346 20.99 -14.68 -14.44
CA ARG A 346 20.43 -13.37 -14.80
C ARG A 346 18.95 -13.28 -14.44
N THR A 347 18.17 -14.32 -14.75
CA THR A 347 16.76 -14.37 -14.38
C THR A 347 16.59 -14.29 -12.86
N PHE A 348 17.38 -15.06 -12.10
CA PHE A 348 17.30 -14.99 -10.65
C PHE A 348 17.60 -13.60 -10.13
N ILE A 349 18.60 -12.93 -10.71
CA ILE A 349 18.90 -11.56 -10.31
C ILE A 349 17.71 -10.64 -10.60
N LEU A 350 17.20 -10.68 -11.83
CA LEU A 350 16.10 -9.80 -12.21
C LEU A 350 14.87 -10.05 -11.34
N MET A 351 14.57 -11.32 -11.07
CA MET A 351 13.51 -11.68 -10.11
C MET A 351 13.77 -11.06 -8.74
N TYR A 352 15.01 -11.13 -8.26
CA TYR A 352 15.31 -10.59 -6.94
C TYR A 352 15.09 -9.08 -6.92
N LEU A 353 15.57 -8.40 -7.95
CA LEU A 353 15.40 -6.94 -8.04
C LEU A 353 13.93 -6.55 -8.08
N TRP A 354 13.14 -7.24 -8.93
CA TRP A 354 11.70 -7.00 -8.96
C TRP A 354 11.06 -7.21 -7.59
N PHE A 355 11.35 -8.35 -6.96
CA PHE A 355 10.83 -8.63 -5.62
C PHE A 355 11.19 -7.52 -4.64
N THR A 356 12.47 -7.16 -4.59
CA THR A 356 12.94 -6.16 -3.64
C THR A 356 12.29 -4.80 -3.88
N ASP A 357 12.22 -4.36 -5.14
CA ASP A 357 11.61 -3.07 -5.43
C ASP A 357 10.12 -3.03 -5.12
N SER A 358 9.39 -4.10 -5.46
CA SER A 358 7.98 -4.18 -5.08
C SER A 358 7.81 -4.14 -3.56
N VAL A 359 8.58 -4.96 -2.85
CA VAL A 359 8.53 -5.02 -1.39
C VAL A 359 8.87 -3.67 -0.78
N LEU A 360 9.86 -2.96 -1.33
CA LEU A 360 10.23 -1.66 -0.78
C LEU A 360 9.17 -0.61 -1.08
N TYR A 361 8.61 -0.60 -2.28
CA TYR A 361 7.65 0.42 -2.66
C TYR A 361 6.36 0.30 -1.85
N GLN A 362 5.74 -0.89 -1.87
CA GLN A 362 4.58 -1.11 -1.01
C GLN A 362 4.94 -1.01 0.47
N GLY A 363 6.15 -1.45 0.85
CA GLY A 363 6.57 -1.38 2.23
C GLY A 363 6.60 0.04 2.78
N LEU A 364 7.28 0.94 2.06
CA LEU A 364 7.35 2.32 2.50
C LEU A 364 6.00 3.02 2.41
N ILE A 365 5.18 2.73 1.38
CA ILE A 365 3.87 3.37 1.33
C ILE A 365 2.98 2.93 2.49
N LEU A 366 2.97 1.64 2.80
CA LEU A 366 2.20 1.15 3.95
C LEU A 366 2.78 1.63 5.28
N HIS A 367 4.10 1.63 5.42
CA HIS A 367 4.71 2.16 6.64
C HIS A 367 4.27 3.60 6.85
N MET A 368 4.50 4.45 5.85
CA MET A 368 4.07 5.85 5.93
C MET A 368 2.62 5.96 6.35
N GLY A 369 1.73 5.21 5.69
CA GLY A 369 0.33 5.23 6.06
C GLY A 369 0.05 4.76 7.47
N ALA A 370 0.94 3.91 8.03
CA ALA A 370 0.76 3.38 9.36
C ALA A 370 1.41 4.21 10.46
N THR A 371 2.32 5.13 10.12
CA THR A 371 3.09 5.80 11.16
C THR A 371 3.08 7.32 11.02
N SER A 372 2.88 7.83 9.81
CA SER A 372 2.97 9.26 9.59
C SER A 372 1.84 10.00 10.30
N GLY A 373 2.14 11.18 10.82
CA GLY A 373 1.19 11.97 11.57
C GLY A 373 0.40 12.95 10.73
N ASN A 374 0.89 13.25 9.53
CA ASN A 374 0.32 14.25 8.65
C ASN A 374 0.06 13.64 7.28
N LEU A 375 -0.68 12.54 7.28
CA LEU A 375 -0.65 11.55 6.21
C LEU A 375 -0.88 12.19 4.84
N TYR A 376 -1.89 13.07 4.75
CA TYR A 376 -2.18 13.70 3.45
C TYR A 376 -1.00 14.52 2.92
N LEU A 377 -0.32 15.26 3.79
CA LEU A 377 0.84 16.02 3.34
C LEU A 377 2.04 15.12 3.04
N ASP A 378 2.32 14.16 3.91
CA ASP A 378 3.44 13.25 3.68
C ASP A 378 3.25 12.49 2.37
N PHE A 379 2.02 12.08 2.10
CA PHE A 379 1.71 11.33 0.89
C PHE A 379 1.77 12.23 -0.35
N LEU A 380 1.30 13.47 -0.23
CA LEU A 380 1.42 14.41 -1.34
C LEU A 380 2.88 14.66 -1.68
N TYR A 381 3.69 15.03 -0.69
CA TYR A 381 5.10 15.28 -0.93
C TYR A 381 5.78 14.06 -1.54
N SER A 382 5.56 12.88 -0.95
CA SER A 382 6.17 11.65 -1.45
C SER A 382 5.74 11.33 -2.89
N ALA A 383 4.47 11.58 -3.22
CA ALA A 383 4.03 11.37 -4.61
C ALA A 383 4.66 12.38 -5.56
N LEU A 384 4.68 13.65 -5.18
CA LEU A 384 5.32 14.67 -6.00
C LEU A 384 6.79 14.36 -6.25
N VAL A 385 7.46 13.75 -5.26
CA VAL A 385 8.87 13.42 -5.39
C VAL A 385 9.12 12.37 -6.47
N GLU A 386 8.10 11.59 -6.83
CA GLU A 386 8.26 10.61 -7.91
C GLU A 386 8.55 11.28 -9.25
N ILE A 387 8.09 12.51 -9.45
CA ILE A 387 8.24 13.20 -10.73
C ILE A 387 9.72 13.52 -10.96
N PRO A 388 10.42 14.22 -10.04
CA PRO A 388 11.88 14.38 -10.21
C PRO A 388 12.61 13.07 -10.44
N GLY A 389 12.23 12.01 -9.72
CA GLY A 389 12.84 10.71 -9.94
C GLY A 389 12.64 10.20 -11.36
N ALA A 390 11.42 10.37 -11.90
CA ALA A 390 11.16 9.96 -13.28
C ALA A 390 11.99 10.78 -14.26
N PHE A 391 12.06 12.09 -14.07
CA PHE A 391 12.81 12.94 -14.99
C PHE A 391 14.31 12.62 -14.93
N ILE A 392 14.83 12.44 -13.71
CA ILE A 392 16.22 12.03 -13.53
C ILE A 392 16.49 10.72 -14.25
N ALA A 393 15.58 9.75 -14.13
CA ALA A 393 15.74 8.50 -14.87
C ALA A 393 15.75 8.75 -16.37
N LEU A 394 14.81 9.56 -16.86
CA LEU A 394 14.71 9.84 -18.28
C LEU A 394 16.02 10.41 -18.83
N ILE A 395 16.66 11.29 -18.08
CA ILE A 395 17.98 11.79 -18.48
C ILE A 395 19.03 10.68 -18.37
N THR A 396 19.07 10.01 -17.22
CA THR A 396 20.19 9.13 -16.88
C THR A 396 20.29 7.92 -17.81
N ILE A 397 19.15 7.34 -18.18
CA ILE A 397 19.17 6.19 -19.10
C ILE A 397 19.91 6.53 -20.38
N ASP A 398 19.71 7.74 -20.89
CA ASP A 398 20.35 8.15 -22.13
C ASP A 398 21.79 8.60 -21.90
N ARG A 399 22.00 9.53 -20.97
CA ARG A 399 23.31 10.17 -20.84
C ARG A 399 24.33 9.35 -20.07
N VAL A 400 23.91 8.47 -19.16
CA VAL A 400 24.83 7.86 -18.20
C VAL A 400 24.83 6.34 -18.32
N GLY A 401 23.66 5.72 -18.36
CA GLY A 401 23.58 4.28 -18.37
C GLY A 401 22.46 3.79 -17.49
N ARG A 402 22.57 2.51 -17.09
CA ARG A 402 21.49 1.86 -16.34
C ARG A 402 21.97 1.11 -15.10
N ILE A 403 23.07 0.37 -15.19
CA ILE A 403 23.44 -0.55 -14.10
C ILE A 403 23.90 0.23 -12.88
N TYR A 404 24.90 1.09 -13.05
CA TYR A 404 25.34 1.94 -11.94
C TYR A 404 24.24 2.85 -11.44
N PRO A 405 23.42 3.48 -12.29
CA PRO A 405 22.25 4.21 -11.78
C PRO A 405 21.32 3.39 -10.90
N MET A 406 20.91 2.20 -11.36
CA MET A 406 19.97 1.39 -10.59
C MET A 406 20.60 0.84 -9.32
N ALA A 407 21.92 0.63 -9.34
CA ALA A 407 22.63 0.24 -8.13
C ALA A 407 22.66 1.38 -7.13
N MET A 408 23.02 2.58 -7.59
CA MET A 408 23.10 3.70 -6.65
C MET A 408 21.71 4.06 -6.12
N SER A 409 20.67 3.96 -6.96
CA SER A 409 19.31 4.20 -6.49
C SER A 409 18.85 3.18 -5.46
N ASN A 410 19.29 1.93 -5.58
CA ASN A 410 18.98 0.94 -4.55
C ASN A 410 19.81 1.15 -3.29
N LEU A 411 21.06 1.58 -3.44
CA LEU A 411 21.88 1.92 -2.28
C LEU A 411 21.30 3.12 -1.53
N LEU A 412 20.80 4.11 -2.28
CA LEU A 412 20.15 5.29 -1.69
C LEU A 412 18.87 4.93 -0.95
N ALA A 413 18.05 4.05 -1.54
CA ALA A 413 16.86 3.58 -0.84
C ALA A 413 17.21 2.76 0.41
N GLY A 414 18.19 1.87 0.31
CA GLY A 414 18.58 1.10 1.48
C GLY A 414 19.13 1.97 2.59
N ALA A 415 20.02 2.90 2.25
CA ALA A 415 20.57 3.82 3.26
C ALA A 415 19.49 4.69 3.87
N ALA A 416 18.54 5.16 3.06
CA ALA A 416 17.42 5.92 3.62
C ALA A 416 16.62 5.10 4.63
N CYS A 417 16.34 3.84 4.29
CA CYS A 417 15.65 2.95 5.22
C CYS A 417 16.46 2.75 6.50
N LEU A 418 17.78 2.57 6.36
CA LEU A 418 18.65 2.43 7.52
C LEU A 418 18.60 3.67 8.42
N VAL A 419 18.79 4.85 7.83
CA VAL A 419 18.80 6.09 8.61
C VAL A 419 17.45 6.32 9.29
N MET A 420 16.36 5.94 8.63
CA MET A 420 15.04 6.08 9.24
C MET A 420 14.90 5.27 10.53
N ILE A 421 15.74 4.26 10.75
CA ILE A 421 15.72 3.54 12.01
C ILE A 421 16.20 4.43 13.16
N PHE A 422 17.20 5.27 12.89
CA PHE A 422 17.91 6.00 13.94
C PHE A 422 17.36 7.39 14.20
N ILE A 423 16.63 7.98 13.25
CA ILE A 423 15.99 9.26 13.48
C ILE A 423 14.92 9.12 14.55
N SER A 424 14.96 10.00 15.55
CA SER A 424 13.91 10.06 16.56
C SER A 424 12.62 10.57 15.94
N PRO A 425 11.48 9.94 16.22
CA PRO A 425 10.26 10.24 15.46
C PRO A 425 9.75 11.67 15.60
N ASP A 426 10.22 12.42 16.59
CA ASP A 426 9.84 13.83 16.69
C ASP A 426 10.46 14.67 15.58
N LEU A 427 11.54 14.20 14.95
CA LEU A 427 12.12 14.90 13.82
C LEU A 427 11.37 14.57 12.53
N HIS A 428 10.05 14.73 12.55
CA HIS A 428 9.21 14.43 11.40
C HIS A 428 9.63 15.24 10.19
N TRP A 429 10.02 16.51 10.39
CA TRP A 429 10.51 17.34 9.31
C TRP A 429 11.76 16.78 8.63
N LEU A 430 12.53 15.94 9.31
CA LEU A 430 13.65 15.27 8.69
C LEU A 430 13.23 13.90 8.15
N ASN A 431 12.42 13.17 8.92
CA ASN A 431 11.98 11.85 8.49
C ASN A 431 11.28 11.92 7.14
N ILE A 432 10.44 12.93 6.94
CA ILE A 432 9.76 13.09 5.65
C ILE A 432 10.77 13.30 4.52
N ILE A 433 11.89 13.97 4.80
CA ILE A 433 12.89 14.18 3.77
C ILE A 433 13.60 12.88 3.43
N ILE A 434 13.94 12.09 4.45
CA ILE A 434 14.56 10.80 4.20
C ILE A 434 13.59 9.87 3.45
N MET A 435 12.32 9.89 3.83
CA MET A 435 11.29 9.15 3.12
C MET A 435 11.18 9.57 1.65
N CYS A 436 11.26 10.88 1.39
CA CYS A 436 11.24 11.36 0.02
C CYS A 436 12.47 10.90 -0.77
N VAL A 437 13.64 10.94 -0.15
CA VAL A 437 14.85 10.47 -0.82
C VAL A 437 14.72 8.99 -1.17
N GLY A 438 14.21 8.19 -0.23
CA GLY A 438 13.97 6.78 -0.51
C GLY A 438 12.97 6.54 -1.62
N ARG A 439 11.85 7.26 -1.57
CA ARG A 439 10.80 7.10 -2.58
C ARG A 439 11.28 7.53 -3.97
N MET A 440 12.13 8.56 -4.03
CA MET A 440 12.77 8.93 -5.30
C MET A 440 13.70 7.83 -5.77
N GLY A 441 14.50 7.28 -4.86
CA GLY A 441 15.42 6.22 -5.20
C GLY A 441 14.70 5.02 -5.80
N ILE A 442 13.73 4.47 -5.06
CA ILE A 442 12.97 3.32 -5.56
C ILE A 442 12.19 3.66 -6.81
N THR A 443 11.72 4.91 -6.97
CA THR A 443 11.04 5.28 -8.21
C THR A 443 12.00 5.19 -9.40
N ILE A 444 13.23 5.69 -9.23
CA ILE A 444 14.24 5.56 -10.28
C ILE A 444 14.52 4.09 -10.56
N ALA A 445 14.68 3.30 -9.50
CA ALA A 445 14.93 1.87 -9.66
C ALA A 445 13.82 1.20 -10.46
N ILE A 446 12.57 1.51 -10.15
CA ILE A 446 11.41 0.96 -10.85
C ILE A 446 11.42 1.37 -12.32
N GLN A 447 11.87 2.59 -12.63
CA GLN A 447 11.99 2.97 -14.04
C GLN A 447 13.09 2.17 -14.73
N MET A 448 14.25 2.07 -14.08
CA MET A 448 15.40 1.39 -14.69
C MET A 448 15.11 -0.09 -14.94
N ILE A 449 14.55 -0.76 -13.92
CA ILE A 449 14.39 -2.21 -13.95
C ILE A 449 13.48 -2.66 -15.09
N CYS A 450 12.42 -1.90 -15.38
CA CYS A 450 11.56 -2.28 -16.49
C CYS A 450 12.34 -2.41 -17.79
N LEU A 451 13.17 -1.40 -18.08
CA LEU A 451 13.96 -1.39 -19.31
C LEU A 451 15.02 -2.49 -19.30
N VAL A 452 15.71 -2.66 -18.17
CA VAL A 452 16.74 -3.69 -18.10
C VAL A 452 16.13 -5.08 -18.23
N ASN A 453 15.02 -5.34 -17.54
CA ASN A 453 14.33 -6.61 -17.63
C ASN A 453 13.82 -6.88 -19.04
N ALA A 454 13.43 -5.83 -19.76
CA ALA A 454 12.98 -6.01 -21.14
C ALA A 454 14.14 -6.29 -22.09
N GLU A 455 15.17 -5.45 -22.11
CA GLU A 455 16.21 -5.61 -23.11
C GLU A 455 17.20 -6.73 -22.80
N LEU A 456 17.24 -7.25 -21.58
CA LEU A 456 18.10 -8.40 -21.30
C LEU A 456 17.53 -9.71 -21.84
N TYR A 457 16.26 -9.73 -22.26
CA TYR A 457 15.66 -10.92 -22.84
C TYR A 457 15.42 -10.72 -24.32
N PRO A 458 15.80 -11.69 -25.17
CA PRO A 458 15.44 -11.61 -26.58
C PRO A 458 13.95 -11.49 -26.79
N THR A 459 13.57 -10.86 -27.91
CA THR A 459 12.17 -10.56 -28.20
C THR A 459 11.29 -11.79 -28.11
N PHE A 460 11.82 -12.94 -28.54
CA PHE A 460 11.07 -14.20 -28.43
C PHE A 460 10.82 -14.56 -26.97
N VAL A 461 11.81 -14.35 -26.11
CA VAL A 461 11.70 -14.71 -24.70
C VAL A 461 11.07 -13.59 -23.87
N ARG A 462 11.28 -12.33 -24.27
CA ARG A 462 10.86 -11.16 -23.50
C ARG A 462 9.50 -11.28 -22.81
N ASN A 463 8.47 -11.72 -23.55
CA ASN A 463 7.12 -11.76 -23.00
C ASN A 463 7.03 -12.70 -21.80
N LEU A 464 7.53 -13.93 -21.96
CA LEU A 464 7.51 -14.90 -20.86
C LEU A 464 8.32 -14.40 -19.67
N GLY A 465 9.48 -13.81 -19.93
CA GLY A 465 10.37 -13.41 -18.86
C GLY A 465 9.78 -12.26 -18.06
N VAL A 466 9.23 -11.27 -18.75
CA VAL A 466 8.57 -10.15 -18.08
C VAL A 466 7.37 -10.64 -17.28
N MET A 467 6.54 -11.52 -17.87
CA MET A 467 5.37 -12.02 -17.15
C MET A 467 5.76 -12.76 -15.87
N VAL A 468 6.79 -13.62 -15.97
CA VAL A 468 7.21 -14.40 -14.82
C VAL A 468 7.81 -13.49 -13.76
N CYS A 469 8.79 -12.66 -14.13
CA CYS A 469 9.45 -11.84 -13.13
C CYS A 469 8.45 -10.87 -12.50
N SER A 470 7.57 -10.26 -13.29
CA SER A 470 6.54 -9.39 -12.75
C SER A 470 5.50 -10.15 -11.95
N SER A 471 5.55 -11.49 -11.92
CA SER A 471 4.70 -12.21 -10.97
C SER A 471 5.35 -12.27 -9.59
N LEU A 472 6.68 -12.27 -9.53
CA LEU A 472 7.36 -12.24 -8.25
C LEU A 472 7.08 -10.93 -7.53
N CYS A 473 6.91 -9.84 -8.28
CA CYS A 473 6.37 -8.60 -7.72
C CYS A 473 5.11 -8.86 -6.91
N ASP A 474 4.20 -9.66 -7.46
CA ASP A 474 2.91 -9.87 -6.83
C ASP A 474 3.02 -10.81 -5.64
N ILE A 475 3.92 -11.80 -5.72
CA ILE A 475 4.21 -12.62 -4.54
C ILE A 475 4.77 -11.76 -3.40
N GLY A 476 5.69 -10.87 -3.73
CA GLY A 476 6.15 -9.90 -2.74
C GLY A 476 5.04 -9.02 -2.21
N GLY A 477 4.11 -8.63 -3.07
CA GLY A 477 2.95 -7.86 -2.62
C GLY A 477 2.02 -8.65 -1.73
N ILE A 478 2.01 -9.98 -1.86
CA ILE A 478 1.25 -10.81 -0.94
C ILE A 478 1.97 -10.92 0.40
N ILE A 479 3.30 -10.93 0.38
CA ILE A 479 4.06 -11.11 1.62
C ILE A 479 4.14 -9.80 2.42
N THR A 480 4.34 -8.68 1.72
CA THR A 480 4.57 -7.39 2.37
C THR A 480 3.54 -6.97 3.42
N PRO A 481 2.22 -7.16 3.24
CA PRO A 481 1.30 -6.67 4.28
C PRO A 481 1.49 -7.32 5.63
N PHE A 482 1.77 -8.62 5.66
CA PHE A 482 2.02 -9.30 6.93
C PHE A 482 3.30 -8.80 7.59
N ILE A 483 4.30 -8.46 6.78
CA ILE A 483 5.51 -7.84 7.33
C ILE A 483 5.18 -6.49 7.95
N VAL A 484 4.64 -5.57 7.16
CA VAL A 484 4.47 -4.20 7.60
C VAL A 484 3.47 -4.07 8.74
N PHE A 485 2.43 -4.91 8.77
CA PHE A 485 1.37 -4.76 9.76
C PHE A 485 1.43 -5.74 10.92
N ARG A 486 2.15 -6.84 10.78
CA ARG A 486 2.23 -7.86 11.83
C ARG A 486 3.63 -7.94 12.42
N LEU A 487 4.65 -7.97 11.57
CA LEU A 487 6.03 -8.08 12.04
C LEU A 487 6.45 -6.80 12.76
N ARG A 488 5.86 -5.67 12.40
CA ARG A 488 6.14 -4.41 13.07
C ARG A 488 5.69 -4.43 14.53
N GLU A 489 4.73 -5.29 14.88
CA GLU A 489 4.26 -5.38 16.25
C GLU A 489 5.31 -5.98 17.18
N VAL A 490 6.23 -6.78 16.64
CA VAL A 490 7.31 -7.33 17.47
C VAL A 490 8.28 -6.22 17.87
N TRP A 491 8.67 -5.40 16.90
CA TRP A 491 9.58 -4.28 17.16
C TRP A 491 9.34 -3.26 16.05
N GLN A 492 9.06 -2.02 16.45
CA GLN A 492 8.70 -0.98 15.47
C GLN A 492 9.78 -0.74 14.43
N ALA A 493 11.06 -0.96 14.78
CA ALA A 493 12.12 -0.75 13.80
C ALA A 493 12.29 -1.92 12.84
N LEU A 494 11.89 -3.13 13.24
CA LEU A 494 12.15 -4.34 12.47
C LEU A 494 11.83 -4.22 10.98
N PRO A 495 10.66 -3.71 10.57
CA PRO A 495 10.39 -3.61 9.12
C PRO A 495 11.44 -2.79 8.38
N LEU A 496 11.91 -1.70 8.98
CA LEU A 496 12.94 -0.90 8.35
C LEU A 496 14.27 -1.63 8.30
N ILE A 497 14.55 -2.49 9.29
CA ILE A 497 15.74 -3.34 9.24
C ILE A 497 15.66 -4.29 8.05
N LEU A 498 14.50 -4.92 7.85
CA LEU A 498 14.32 -5.79 6.69
C LEU A 498 14.44 -5.02 5.39
N PHE A 499 13.82 -3.84 5.30
CA PHE A 499 13.90 -3.04 4.08
C PHE A 499 15.33 -2.59 3.80
N ALA A 500 16.07 -2.22 4.84
CA ALA A 500 17.49 -1.89 4.70
C ALA A 500 18.27 -3.06 4.13
N VAL A 501 18.14 -4.25 4.75
CA VAL A 501 18.88 -5.42 4.29
C VAL A 501 18.53 -5.73 2.84
N LEU A 502 17.23 -5.73 2.52
CA LEU A 502 16.77 -6.07 1.18
C LEU A 502 17.31 -5.08 0.15
N GLY A 503 17.21 -3.78 0.45
CA GLY A 503 17.71 -2.79 -0.49
C GLY A 503 19.21 -2.88 -0.70
N LEU A 504 19.97 -2.95 0.40
CA LEU A 504 21.42 -2.99 0.29
C LEU A 504 21.89 -4.24 -0.47
N LEU A 505 21.24 -5.38 -0.23
CA LEU A 505 21.55 -6.57 -1.02
C LEU A 505 21.18 -6.39 -2.49
N ALA A 506 20.02 -5.79 -2.78
CA ALA A 506 19.66 -5.55 -4.18
C ALA A 506 20.66 -4.61 -4.85
N ALA A 507 21.20 -3.67 -4.09
CA ALA A 507 22.29 -2.81 -4.56
C ALA A 507 23.49 -3.65 -4.95
N GLY A 508 23.99 -4.45 -4.01
CA GLY A 508 25.17 -5.26 -4.31
C GLY A 508 24.95 -6.19 -5.50
N VAL A 509 23.82 -6.89 -5.50
CA VAL A 509 23.50 -7.85 -6.56
C VAL A 509 23.37 -7.17 -7.92
N THR A 510 22.87 -5.93 -7.96
CA THR A 510 22.72 -5.22 -9.23
C THR A 510 24.04 -5.13 -9.98
N LEU A 511 25.15 -4.91 -9.27
CA LEU A 511 26.44 -4.72 -9.91
C LEU A 511 26.88 -5.92 -10.75
N LEU A 512 26.28 -7.09 -10.51
CA LEU A 512 26.63 -8.29 -11.27
C LEU A 512 26.04 -8.33 -12.67
N LEU A 513 25.03 -7.51 -12.95
CA LEU A 513 24.44 -7.52 -14.29
C LEU A 513 25.37 -6.82 -15.29
N PRO A 514 25.37 -7.28 -16.54
CA PRO A 514 26.10 -6.57 -17.59
C PRO A 514 25.39 -5.29 -18.01
N GLU A 515 26.18 -4.32 -18.45
CA GLU A 515 25.65 -3.06 -18.95
C GLU A 515 25.26 -3.16 -20.41
C10 ZVJ B . 5.17 2.40 -10.86
C13 ZVJ B . 4.10 1.35 -8.95
C15 ZVJ B . 2.93 -3.70 -12.52
C17 ZVJ B . 4.46 -4.38 -14.53
C20 ZVJ B . 6.06 -2.15 -14.11
C21 ZVJ B . 5.02 -2.35 -13.29
C01 ZVJ B . 2.63 -4.34 -10.10
C02 ZVJ B . 3.15 -3.22 -11.08
C04 ZVJ B . 2.41 -1.56 -9.40
C05 ZVJ B . 3.69 -1.12 -8.81
C06 ZVJ B . 4.21 0.12 -9.55
C07 ZVJ B . 4.79 0.00 -10.78
C08 ZVJ B . 5.28 1.17 -11.45
C11 ZVJ B . 4.60 2.52 -9.62
C16 ZVJ B . 4.20 -3.46 -13.48
C18 ZVJ B . 5.54 -4.17 -15.36
C19 ZVJ B . 6.35 -3.08 -15.18
N03 ZVJ B . 2.40 -2.00 -10.83
O09 ZVJ B . 5.88 1.04 -12.76
O12 ZVJ B . 4.48 3.81 -9.00
O14 ZVJ B . 4.71 -2.15 -8.77
O22 ZVJ B . 7.47 -2.86 -16.04
#